data_5MUJ
#
_entry.id   5MUJ
#
_cell.length_a   49.460
_cell.length_b   80.000
_cell.length_c   50.810
_cell.angle_alpha   90.00
_cell.angle_beta   114.94
_cell.angle_gamma   90.00
#
_symmetry.space_group_name_H-M   'P 1 21 1'
#
loop_
_entity.id
_entity.type
_entity.pdbx_description
1 polymer Beta-galactosidase
2 branched 'alpha-L-rhamnopyranose-(1-2)-[alpha-L-rhamnopyranose-(1-3)]alpha-L-arabinopyranose-(1-4)-[4-O-[(1R)-1-hydroxyethyl]-2-O-methyl-alpha-L-fucopyranose-(1-2)]beta-D-galactopyranose-(1-2)-alpha-D-aceric acid-(1-4)-alpha-L-rhamnopyranose-(1-3)-3-C-(hydroxylmethyl)-alpha-D-erythrofuranose'
3 non-polymer 'ACETATE ION'
4 water water
#
_entity_poly.entity_id   1
_entity_poly.type   'polypeptide(L)'
_entity_poly.pdbx_seq_one_letter_code
;(MSE)IDKSI(MSE)KKLLLTFLSIAAVCSLYAQRKVTQER(MSE)EQIYEEVKTPYKYGLAVAPTDNYHKIDCPTVFRQ
GDKWL(MSE)TYVVYNGKTGTDGRGYETWIAESDNLLDWRTLGRVLSYRDGKWDCNQRGGFPALPD(MSE)EWGGSYELQ
TYKGRHW(MSE)TYIGGEGTGYEAVKAPLFVGLASTKGDISTAHEWESLDKPILSIHDKDAQWWEKLTQYKSTVYWDKDK
TLGAPFV(MSE)FYNAGGRHPETDLKGERVGIALSKD(MSE)KTWKRYPGNPVFAHEADGTITGDAHIQK(MSE)GDVYV
(MSE)FYFSAFEPSRKYKAFNTFAASYDLVNWTDWHGADLIIPSKNYDELFAHKSYVIKHDGVVYHFYCAVNNAEQRGIA
IATSKP(MSE)GRSAVRFPKPETKN
;
_entity_poly.pdbx_strand_id   A
#
# COMPACT_ATOMS: atom_id res chain seq x y z
N LYS A 28 11.05 17.74 15.06
CA LYS A 28 10.03 18.28 14.10
C LYS A 28 10.72 18.80 12.84
N VAL A 29 10.19 18.40 11.68
CA VAL A 29 10.67 18.87 10.39
C VAL A 29 10.12 20.30 10.24
N THR A 30 10.96 21.25 9.83
CA THR A 30 10.55 22.67 9.74
C THR A 30 9.43 22.87 8.71
N GLN A 31 8.62 23.93 8.89
CA GLN A 31 7.58 24.25 7.90
C GLN A 31 8.20 24.50 6.53
N GLU A 32 9.29 25.25 6.50
CA GLU A 32 10.05 25.49 5.27
C GLU A 32 10.47 24.21 4.55
N ARG A 33 11.02 23.23 5.28
CA ARG A 33 11.45 21.97 4.67
C ARG A 33 10.22 21.17 4.22
N GLU A 35 7.41 22.43 3.15
CA GLU A 35 7.00 23.09 1.89
C GLU A 35 7.87 22.72 0.67
N GLN A 36 9.18 22.58 0.88
CA GLN A 36 10.08 22.11 -0.18
C GLN A 36 9.75 20.67 -0.61
N ILE A 37 9.47 19.79 0.35
CA ILE A 37 9.08 18.40 0.06
C ILE A 37 7.78 18.36 -0.76
N TYR A 38 6.79 19.16 -0.35
CA TYR A 38 5.54 19.27 -1.12
C TYR A 38 5.81 19.65 -2.61
N GLU A 39 6.62 20.67 -2.83
CA GLU A 39 6.90 21.14 -4.19
C GLU A 39 7.62 20.04 -4.96
N GLU A 40 8.50 19.30 -4.29
CA GLU A 40 9.23 18.18 -4.92
C GLU A 40 8.33 16.99 -5.31
N VAL A 41 7.31 16.67 -4.49
CA VAL A 41 6.52 15.44 -4.72
C VAL A 41 5.16 15.64 -5.37
N LYS A 42 4.73 16.88 -5.58
CA LYS A 42 3.37 17.12 -6.05
C LYS A 42 3.17 16.63 -7.48
N THR A 43 1.92 16.24 -7.75
CA THR A 43 1.46 15.75 -9.02
C THR A 43 0.08 16.30 -9.35
N PRO A 44 0.01 17.53 -9.89
CA PRO A 44 -1.26 18.17 -10.19
C PRO A 44 -2.09 17.58 -11.34
N TYR A 45 -1.46 16.79 -12.20
CA TYR A 45 -1.98 16.46 -13.57
C TYR A 45 -2.41 14.97 -13.61
N LYS A 46 -3.70 14.72 -13.72
CA LYS A 46 -4.21 13.33 -13.65
C LYS A 46 -4.19 12.69 -15.03
N TYR A 47 -3.34 11.69 -15.17
CA TYR A 47 -3.19 10.97 -16.47
C TYR A 47 -4.43 10.14 -16.71
N GLY A 48 -4.81 9.39 -15.68
CA GLY A 48 -6.02 8.60 -15.66
C GLY A 48 -5.66 7.18 -15.28
N LEU A 49 -6.51 6.24 -15.64
N LEU A 49 -6.54 6.25 -15.64
CA LEU A 49 -6.36 4.87 -15.18
CA LEU A 49 -6.43 4.81 -15.25
C LEU A 49 -5.15 4.21 -15.81
C LEU A 49 -5.23 4.10 -15.84
N ALA A 50 -4.47 3.40 -15.01
CA ALA A 50 -3.33 2.61 -15.43
C ALA A 50 -3.77 1.15 -15.60
N VAL A 51 -4.48 0.66 -14.59
CA VAL A 51 -4.99 -0.68 -14.57
C VAL A 51 -6.41 -0.67 -14.09
N ALA A 52 -7.35 -1.15 -14.91
CA ALA A 52 -8.76 -1.15 -14.63
C ALA A 52 -9.38 -2.53 -14.82
N PRO A 53 -10.37 -2.88 -13.97
CA PRO A 53 -11.17 -4.08 -14.20
C PRO A 53 -12.01 -3.96 -15.47
N THR A 54 -12.13 -5.09 -16.17
CA THR A 54 -12.90 -5.14 -17.43
C THR A 54 -14.39 -5.46 -17.20
N ASP A 55 -14.80 -5.72 -15.95
CA ASP A 55 -16.21 -5.88 -15.63
C ASP A 55 -16.42 -5.35 -14.23
N ASN A 56 -17.67 -5.37 -13.74
CA ASN A 56 -18.02 -4.84 -12.42
C ASN A 56 -17.87 -5.81 -11.25
N TYR A 57 -17.39 -7.01 -11.51
CA TYR A 57 -17.19 -8.04 -10.48
C TYR A 57 -15.70 -8.31 -10.21
N HIS A 58 -14.89 -7.29 -10.45
CA HIS A 58 -13.49 -7.28 -10.06
C HIS A 58 -13.16 -5.87 -9.64
N LYS A 59 -12.28 -5.77 -8.63
CA LYS A 59 -11.77 -4.51 -8.16
C LYS A 59 -10.27 -4.63 -8.06
N ILE A 60 -9.56 -3.57 -8.44
CA ILE A 60 -8.10 -3.56 -8.56
C ILE A 60 -7.52 -2.44 -7.66
N ASP A 61 -6.47 -2.76 -6.89
CA ASP A 61 -5.93 -1.84 -5.89
C ASP A 61 -4.46 -2.14 -5.57
N CYS A 62 -3.87 -1.30 -4.75
CA CYS A 62 -2.65 -1.58 -4.02
C CYS A 62 -1.44 -1.76 -4.92
N PRO A 63 -1.12 -0.72 -5.74
CA PRO A 63 0.06 -0.76 -6.54
C PRO A 63 1.39 -0.73 -5.80
N THR A 64 2.31 -1.56 -6.28
CA THR A 64 3.71 -1.43 -5.92
C THR A 64 4.48 -1.42 -7.23
N VAL A 65 5.23 -0.36 -7.45
CA VAL A 65 5.96 -0.18 -8.75
C VAL A 65 7.45 -0.29 -8.54
N PHE A 66 8.07 -1.06 -9.41
CA PHE A 66 9.52 -1.23 -9.36
C PHE A 66 10.11 -1.48 -10.76
N ARG A 67 11.42 -1.50 -10.83
CA ARG A 67 12.14 -1.57 -12.13
C ARG A 67 13.13 -2.75 -12.10
N GLN A 68 13.19 -3.52 -13.19
CA GLN A 68 14.26 -4.51 -13.40
C GLN A 68 14.69 -4.39 -14.85
N GLY A 69 15.99 -4.17 -15.06
CA GLY A 69 16.52 -3.84 -16.36
C GLY A 69 16.03 -2.45 -16.68
N ASP A 70 15.36 -2.29 -17.82
CA ASP A 70 14.64 -1.05 -18.14
C ASP A 70 13.13 -1.25 -18.19
N LYS A 71 12.65 -2.41 -17.71
CA LYS A 71 11.22 -2.68 -17.62
C LYS A 71 10.65 -2.26 -16.27
N TRP A 72 9.49 -1.60 -16.33
CA TRP A 72 8.75 -1.25 -15.14
C TRP A 72 7.72 -2.34 -14.82
N LEU A 73 7.64 -2.71 -13.54
CA LEU A 73 6.74 -3.74 -13.07
C LEU A 73 5.81 -3.18 -11.98
N THR A 75 3.04 -4.74 -9.11
CA THR A 75 2.13 -5.73 -8.48
C THR A 75 0.88 -5.00 -8.02
N TYR A 76 -0.23 -5.70 -8.05
CA TYR A 76 -1.52 -5.18 -7.58
C TYR A 76 -2.44 -6.32 -7.09
N VAL A 77 -3.45 -5.95 -6.30
CA VAL A 77 -4.37 -6.94 -5.81
C VAL A 77 -5.69 -6.84 -6.59
N VAL A 78 -6.32 -7.97 -6.76
CA VAL A 78 -7.62 -8.09 -7.35
C VAL A 78 -8.56 -8.75 -6.30
N TYR A 79 -9.72 -8.14 -6.13
CA TYR A 79 -10.84 -8.74 -5.37
C TYR A 79 -11.90 -9.09 -6.41
N ASN A 80 -12.37 -10.34 -6.40
CA ASN A 80 -13.20 -10.86 -7.50
C ASN A 80 -14.68 -10.88 -7.16
N GLY A 81 -15.15 -9.74 -6.69
CA GLY A 81 -16.55 -9.53 -6.36
C GLY A 81 -16.94 -8.09 -6.65
N LYS A 82 -18.25 -7.85 -6.76
CA LYS A 82 -18.84 -6.49 -6.81
C LYS A 82 -19.15 -5.87 -5.44
N THR A 83 -19.54 -6.72 -4.51
CA THR A 83 -20.02 -6.32 -3.19
C THR A 83 -19.03 -6.77 -2.12
N GLY A 84 -19.39 -6.48 -0.86
CA GLY A 84 -18.60 -6.88 0.31
C GLY A 84 -18.49 -8.36 0.57
N THR A 85 -19.41 -9.16 0.05
CA THR A 85 -19.41 -10.59 0.36
C THR A 85 -19.40 -11.58 -0.79
N ASP A 86 -19.54 -11.11 -2.03
CA ASP A 86 -19.68 -12.03 -3.17
C ASP A 86 -18.37 -12.61 -3.67
N GLY A 87 -17.25 -11.95 -3.38
CA GLY A 87 -15.97 -12.40 -3.91
C GLY A 87 -15.31 -13.34 -2.94
N ARG A 88 -14.33 -14.07 -3.41
CA ARG A 88 -13.59 -14.99 -2.58
C ARG A 88 -12.56 -14.24 -1.70
N GLY A 89 -11.92 -13.23 -2.28
CA GLY A 89 -10.87 -12.48 -1.63
C GLY A 89 -9.79 -12.00 -2.58
N TYR A 90 -8.70 -11.52 -2.03
CA TYR A 90 -7.54 -11.06 -2.77
C TYR A 90 -6.69 -12.14 -3.42
N GLU A 91 -6.31 -11.88 -4.70
CA GLU A 91 -5.08 -12.42 -5.31
C GLU A 91 -4.17 -11.29 -5.77
N THR A 92 -2.90 -11.60 -5.97
CA THR A 92 -1.93 -10.62 -6.37
C THR A 92 -1.50 -10.99 -7.79
N TRP A 93 -1.51 -9.93 -8.61
CA TRP A 93 -1.15 -9.99 -10.03
C TRP A 93 0.06 -9.06 -10.25
N ILE A 94 0.61 -9.20 -11.45
CA ILE A 94 1.74 -8.37 -11.93
C ILE A 94 1.49 -7.87 -13.37
N ALA A 95 1.87 -6.62 -13.59
CA ALA A 95 1.76 -6.03 -14.92
C ALA A 95 3.07 -5.38 -15.23
N GLU A 96 3.31 -5.29 -16.54
CA GLU A 96 4.54 -4.64 -17.02
C GLU A 96 4.26 -3.37 -17.87
N SER A 97 5.28 -2.51 -17.95
CA SER A 97 5.28 -1.26 -18.72
C SER A 97 6.67 -0.87 -19.16
N ASP A 98 6.69 -0.25 -20.34
CA ASP A 98 7.90 0.41 -20.84
C ASP A 98 7.95 1.91 -20.55
N ASN A 99 6.83 2.53 -20.14
CA ASN A 99 6.81 4.00 -20.04
C ASN A 99 6.16 4.55 -18.79
N LEU A 100 5.95 3.67 -17.80
CA LEU A 100 5.19 3.95 -16.55
C LEU A 100 3.68 4.30 -16.70
N LEU A 101 3.17 4.42 -17.92
CA LEU A 101 1.81 4.90 -18.14
C LEU A 101 0.88 3.83 -18.70
N ASP A 102 1.40 3.10 -19.70
CA ASP A 102 0.73 2.03 -20.39
C ASP A 102 1.20 0.70 -19.82
N TRP A 103 0.22 -0.08 -19.39
CA TRP A 103 0.47 -1.30 -18.55
C TRP A 103 -0.15 -2.53 -19.20
N ARG A 104 0.56 -3.65 -19.13
CA ARG A 104 0.01 -4.93 -19.60
C ARG A 104 0.08 -6.00 -18.50
N THR A 105 -1.08 -6.55 -18.17
CA THR A 105 -1.15 -7.56 -17.08
C THR A 105 -0.60 -8.87 -17.57
N LEU A 106 0.27 -9.46 -16.74
CA LEU A 106 0.96 -10.71 -17.10
C LEU A 106 0.34 -11.97 -16.50
N GLY A 107 -0.25 -11.86 -15.30
CA GLY A 107 -0.80 -13.02 -14.59
C GLY A 107 -0.50 -12.88 -13.13
N ARG A 108 -0.91 -13.94 -12.40
CA ARG A 108 -0.80 -13.97 -10.94
C ARG A 108 0.60 -14.27 -10.41
N VAL A 109 0.92 -13.63 -9.27
CA VAL A 109 2.11 -13.96 -8.48
C VAL A 109 1.79 -14.52 -7.09
N LEU A 110 0.56 -14.31 -6.60
CA LEU A 110 0.08 -14.87 -5.29
C LEU A 110 -1.37 -15.25 -5.50
N SER A 111 -1.62 -16.56 -5.54
CA SER A 111 -2.92 -17.10 -5.90
C SER A 111 -3.58 -17.71 -4.65
N TYR A 112 -4.89 -17.92 -4.72
CA TYR A 112 -5.61 -18.62 -3.66
C TYR A 112 -4.91 -19.94 -3.39
N ARG A 113 -4.65 -20.18 -2.10
CA ARG A 113 -3.79 -21.23 -1.69
C ARG A 113 -4.59 -22.25 -0.81
N ASP A 114 -5.25 -23.18 -1.49
CA ASP A 114 -6.16 -24.15 -0.82
C ASP A 114 -5.45 -24.97 0.26
N GLY A 115 -6.11 -25.11 1.42
CA GLY A 115 -5.57 -25.91 2.50
C GLY A 115 -4.61 -25.21 3.45
N LYS A 116 -4.41 -23.90 3.26
CA LYS A 116 -3.48 -23.11 4.06
C LYS A 116 -4.22 -21.98 4.77
N TRP A 117 -3.51 -21.31 5.70
CA TRP A 117 -4.07 -20.23 6.55
C TRP A 117 -4.57 -19.03 5.76
N ASP A 118 -3.97 -18.86 4.59
CA ASP A 118 -4.26 -17.72 3.73
C ASP A 118 -5.04 -18.18 2.49
N CYS A 119 -5.89 -19.19 2.59
CA CYS A 119 -6.50 -19.77 1.39
C CYS A 119 -7.35 -18.80 0.56
N ASN A 120 -7.98 -17.82 1.21
CA ASN A 120 -8.94 -16.91 0.55
C ASN A 120 -8.47 -15.46 0.35
N GLN A 121 -7.41 -15.03 1.05
CA GLN A 121 -6.87 -13.66 0.95
C GLN A 121 -5.38 -13.69 0.78
N ARG A 122 -4.91 -13.20 -0.37
CA ARG A 122 -3.48 -13.24 -0.75
C ARG A 122 -3.15 -11.92 -1.42
N GLY A 123 -2.96 -10.85 -0.64
CA GLY A 123 -2.73 -9.50 -1.23
C GLY A 123 -1.35 -8.99 -0.90
N GLY A 124 -0.47 -8.94 -1.91
CA GLY A 124 0.96 -8.77 -1.67
C GLY A 124 1.62 -7.45 -2.00
N PHE A 125 2.77 -7.21 -1.34
CA PHE A 125 3.48 -5.96 -1.35
C PHE A 125 4.98 -6.27 -1.36
N PRO A 126 5.61 -6.21 -2.53
CA PRO A 126 7.02 -6.49 -2.52
C PRO A 126 7.82 -5.75 -1.46
N ALA A 127 8.92 -6.39 -1.04
CA ALA A 127 9.75 -5.92 0.04
C ALA A 127 11.13 -5.53 -0.40
N LEU A 128 11.80 -4.81 0.46
CA LEU A 128 13.16 -4.36 0.31
C LEU A 128 13.34 -3.49 -0.95
N PRO A 129 12.42 -2.52 -1.16
CA PRO A 129 12.61 -1.63 -2.30
C PRO A 129 13.82 -0.70 -2.03
N ASP A 130 14.53 -0.30 -3.09
CA ASP A 130 15.45 0.82 -3.00
C ASP A 130 14.59 2.04 -2.61
N GLU A 132 15.66 5.13 -2.08
CA GLU A 132 16.15 6.43 -2.58
C GLU A 132 15.12 7.14 -3.50
N TRP A 133 14.64 8.30 -3.05
CA TRP A 133 13.82 9.19 -3.88
C TRP A 133 14.53 9.50 -5.21
N GLY A 134 13.85 9.16 -6.28
CA GLY A 134 14.41 9.31 -7.62
C GLY A 134 15.60 8.40 -7.96
N GLY A 135 15.71 7.28 -7.26
CA GLY A 135 16.83 6.37 -7.45
C GLY A 135 16.47 5.24 -8.38
N SER A 136 17.03 4.06 -8.11
CA SER A 136 16.95 2.95 -9.05
C SER A 136 15.54 2.37 -9.20
N TYR A 137 14.78 2.42 -8.10
CA TYR A 137 13.47 1.77 -7.95
C TYR A 137 13.51 0.26 -8.10
N GLU A 138 14.69 -0.31 -7.86
CA GLU A 138 14.85 -1.74 -7.91
C GLU A 138 14.44 -2.32 -6.55
N LEU A 139 14.08 -3.60 -6.58
CA LEU A 139 13.90 -4.40 -5.38
C LEU A 139 15.23 -5.04 -5.05
N GLN A 140 15.55 -5.16 -3.77
CA GLN A 140 16.84 -5.67 -3.36
C GLN A 140 16.68 -7.13 -2.95
N THR A 141 17.76 -7.89 -3.09
CA THR A 141 17.77 -9.28 -2.68
C THR A 141 18.41 -9.45 -1.29
N TYR A 142 18.02 -10.54 -0.66
CA TYR A 142 18.57 -10.97 0.62
C TYR A 142 18.57 -12.49 0.59
N LYS A 143 19.74 -13.08 0.85
CA LYS A 143 19.96 -14.53 0.82
C LYS A 143 19.57 -15.11 -0.54
N GLY A 144 19.87 -14.33 -1.58
CA GLY A 144 19.65 -14.74 -2.95
C GLY A 144 18.21 -14.71 -3.42
N ARG A 145 17.31 -14.14 -2.61
CA ARG A 145 15.90 -14.11 -2.93
C ARG A 145 15.36 -12.69 -2.93
N HIS A 146 14.27 -12.50 -3.67
CA HIS A 146 13.40 -11.33 -3.51
C HIS A 146 12.27 -11.69 -2.56
N TRP A 147 11.80 -10.68 -1.84
CA TRP A 147 10.85 -10.89 -0.72
C TRP A 147 9.61 -10.04 -0.89
N THR A 149 5.78 -9.12 1.53
CA THR A 149 4.81 -9.38 2.59
C THR A 149 3.43 -9.23 2.02
N TYR A 150 2.44 -9.77 2.73
CA TYR A 150 1.07 -9.80 2.23
C TYR A 150 -0.03 -9.81 3.31
N ILE A 151 -1.19 -9.32 2.90
CA ILE A 151 -2.47 -9.50 3.63
C ILE A 151 -2.90 -10.95 3.39
N GLY A 152 -2.99 -11.74 4.47
CA GLY A 152 -3.40 -13.13 4.37
C GLY A 152 -4.57 -13.43 5.28
N GLY A 153 -5.41 -14.38 4.91
CA GLY A 153 -6.56 -14.74 5.74
C GLY A 153 -7.38 -15.84 5.12
N GLU A 154 -8.25 -16.43 5.92
CA GLU A 154 -9.09 -17.52 5.51
C GLU A 154 -10.55 -17.13 5.29
N GLY A 155 -10.93 -15.90 5.59
CA GLY A 155 -12.30 -15.44 5.35
C GLY A 155 -12.53 -15.02 3.91
N THR A 156 -13.74 -15.23 3.42
CA THR A 156 -14.08 -14.77 2.07
C THR A 156 -14.56 -13.32 2.17
N GLY A 157 -15.10 -12.79 1.09
CA GLY A 157 -15.50 -11.41 1.04
C GLY A 157 -14.37 -10.43 0.94
N TYR A 158 -14.74 -9.17 1.08
CA TYR A 158 -13.79 -8.07 1.01
C TYR A 158 -13.04 -7.86 2.34
N GLU A 159 -11.73 -8.03 2.27
CA GLU A 159 -10.81 -7.85 3.38
C GLU A 159 -11.26 -8.65 4.61
N ALA A 160 -11.54 -7.97 5.73
CA ALA A 160 -11.75 -8.61 7.01
C ALA A 160 -13.20 -8.81 7.34
N VAL A 161 -14.10 -8.73 6.36
CA VAL A 161 -15.54 -8.85 6.65
C VAL A 161 -15.98 -10.21 7.28
N LYS A 162 -15.35 -11.33 6.88
CA LYS A 162 -15.68 -12.67 7.42
C LYS A 162 -14.70 -13.22 8.47
N ALA A 163 -13.48 -12.69 8.47
CA ALA A 163 -12.43 -13.17 9.35
C ALA A 163 -11.30 -12.16 9.32
N PRO A 164 -10.45 -12.14 10.35
CA PRO A 164 -9.35 -11.20 10.39
C PRO A 164 -8.25 -11.45 9.33
N LEU A 165 -7.43 -10.44 9.12
CA LEU A 165 -6.28 -10.55 8.22
C LEU A 165 -4.97 -10.42 8.98
N PHE A 166 -3.99 -11.24 8.62
CA PHE A 166 -2.70 -11.29 9.28
C PHE A 166 -1.60 -11.02 8.27
N VAL A 167 -0.39 -10.68 8.72
CA VAL A 167 0.76 -10.43 7.83
C VAL A 167 1.47 -11.73 7.45
N GLY A 168 1.48 -12.04 6.16
CA GLY A 168 2.27 -13.16 5.66
C GLY A 168 3.59 -12.76 5.00
N LEU A 169 4.45 -13.74 4.78
CA LEU A 169 5.76 -13.56 4.19
C LEU A 169 5.89 -14.47 2.97
N ALA A 170 6.35 -13.90 1.87
CA ALA A 170 6.64 -14.65 0.64
C ALA A 170 7.98 -14.29 0.11
N SER A 171 8.47 -15.16 -0.77
CA SER A 171 9.75 -14.94 -1.40
C SER A 171 9.87 -15.73 -2.68
N THR A 172 10.84 -15.35 -3.49
CA THR A 172 11.11 -16.10 -4.74
C THR A 172 12.58 -16.02 -5.14
N LYS A 173 13.08 -17.12 -5.72
CA LYS A 173 14.36 -17.15 -6.38
C LYS A 173 14.18 -16.91 -7.90
N GLY A 174 12.93 -16.77 -8.33
CA GLY A 174 12.62 -16.57 -9.76
C GLY A 174 12.84 -15.18 -10.28
N ASP A 175 12.55 -15.03 -11.57
CA ASP A 175 12.60 -13.75 -12.23
C ASP A 175 11.34 -12.94 -11.88
N ILE A 176 11.54 -11.85 -11.11
CA ILE A 176 10.41 -11.02 -10.60
C ILE A 176 9.60 -10.30 -11.69
N SER A 177 10.14 -10.27 -12.92
CA SER A 177 9.40 -9.74 -14.08
C SER A 177 8.43 -10.73 -14.75
N THR A 178 8.29 -11.94 -14.18
CA THR A 178 7.43 -12.99 -14.70
C THR A 178 6.28 -13.31 -13.77
N ALA A 179 5.14 -13.68 -14.34
CA ALA A 179 3.96 -14.05 -13.58
C ALA A 179 4.16 -15.52 -13.23
N HIS A 180 4.84 -15.75 -12.11
CA HIS A 180 5.01 -17.05 -11.49
C HIS A 180 4.67 -16.89 -10.02
N GLU A 181 4.38 -18.02 -9.38
CA GLU A 181 3.96 -18.05 -7.95
C GLU A 181 5.17 -17.90 -7.03
N TRP A 182 5.10 -16.90 -6.16
CA TRP A 182 6.11 -16.74 -5.12
C TRP A 182 5.76 -17.75 -3.99
N GLU A 183 6.79 -18.18 -3.27
CA GLU A 183 6.64 -19.14 -2.18
C GLU A 183 6.28 -18.44 -0.90
N SER A 184 5.47 -19.11 -0.11
CA SER A 184 5.03 -18.51 1.16
C SER A 184 5.08 -19.45 2.33
N LEU A 185 5.18 -18.82 3.51
CA LEU A 185 5.20 -19.57 4.80
C LEU A 185 3.84 -20.12 5.18
N ASP A 186 3.86 -21.20 5.95
CA ASP A 186 2.63 -21.88 6.33
C ASP A 186 1.97 -21.34 7.62
N LYS A 187 2.54 -20.25 8.15
CA LYS A 187 2.07 -19.48 9.26
C LYS A 187 2.26 -17.99 8.92
N PRO A 188 1.38 -17.12 9.45
CA PRO A 188 1.72 -15.70 9.32
C PRO A 188 2.99 -15.36 10.07
N ILE A 189 3.63 -14.26 9.69
CA ILE A 189 4.77 -13.73 10.45
C ILE A 189 4.36 -12.78 11.59
N LEU A 190 3.23 -12.10 11.44
CA LEU A 190 2.60 -11.35 12.53
C LEU A 190 1.14 -11.67 12.49
N SER A 191 0.51 -11.67 13.66
CA SER A 191 -0.90 -11.94 13.73
CA SER A 191 -0.92 -11.95 13.74
C SER A 191 -1.44 -11.21 14.94
N ILE A 192 -2.75 -11.01 14.95
CA ILE A 192 -3.47 -10.34 16.09
C ILE A 192 -3.51 -11.17 17.42
N HIS A 193 -3.31 -12.48 17.27
CA HIS A 193 -3.31 -13.47 18.32
C HIS A 193 -1.96 -13.67 18.94
N ASP A 194 -0.92 -13.03 18.44
CA ASP A 194 0.39 -13.13 19.06
C ASP A 194 0.35 -12.61 20.53
N LYS A 195 1.17 -13.22 21.38
CA LYS A 195 1.32 -12.82 22.80
C LYS A 195 1.75 -11.37 22.92
N ASP A 196 2.57 -10.93 21.96
CA ASP A 196 3.13 -9.57 21.93
C ASP A 196 2.37 -8.57 21.04
N ALA A 197 1.19 -8.95 20.56
CA ALA A 197 0.32 -8.01 19.83
C ALA A 197 -0.11 -6.84 20.71
N GLN A 198 -0.13 -5.66 20.11
CA GLN A 198 -0.44 -4.42 20.81
C GLN A 198 -1.87 -3.93 20.53
N TRP A 199 -2.36 -2.98 21.35
CA TRP A 199 -3.75 -2.53 21.25
C TRP A 199 -4.18 -2.09 19.84
N TRP A 200 -3.28 -1.38 19.17
CA TRP A 200 -3.59 -0.76 17.86
C TRP A 200 -3.76 -1.70 16.69
N GLU A 201 -3.44 -2.98 16.89
CA GLU A 201 -3.49 -4.00 15.83
C GLU A 201 -4.35 -5.20 16.24
N LYS A 202 -5.15 -5.11 17.32
CA LYS A 202 -5.93 -6.28 17.81
C LYS A 202 -7.08 -6.75 16.92
N LEU A 203 -7.62 -5.86 16.08
CA LEU A 203 -8.79 -6.21 15.26
C LEU A 203 -8.41 -6.99 13.98
N THR A 204 -7.39 -6.51 13.30
CA THR A 204 -6.94 -7.09 12.03
C THR A 204 -5.73 -6.30 11.60
N GLN A 205 -4.87 -6.95 10.85
CA GLN A 205 -3.75 -6.29 10.19
C GLN A 205 -4.14 -6.00 8.76
N TYR A 206 -3.54 -4.96 8.23
CA TYR A 206 -3.79 -4.61 6.83
C TYR A 206 -2.44 -4.53 6.05
N LYS A 207 -2.21 -3.48 5.24
CA LYS A 207 -0.97 -3.43 4.39
C LYS A 207 0.28 -3.39 5.27
N SER A 208 1.37 -4.01 4.81
CA SER A 208 2.71 -3.94 5.37
C SER A 208 3.73 -3.71 4.26
N THR A 209 4.88 -3.15 4.60
CA THR A 209 6.03 -3.07 3.67
C THR A 209 7.26 -3.16 4.52
N VAL A 210 8.19 -4.03 4.15
CA VAL A 210 9.46 -4.19 4.87
C VAL A 210 10.57 -3.50 4.13
N TYR A 211 11.34 -2.69 4.86
CA TYR A 211 12.48 -1.94 4.34
C TYR A 211 13.80 -2.53 4.84
N TRP A 212 14.86 -2.50 4.03
CA TRP A 212 16.21 -2.81 4.47
C TRP A 212 16.84 -1.50 4.97
N ASP A 213 17.07 -1.37 6.27
CA ASP A 213 17.70 -0.19 6.87
C ASP A 213 19.16 -0.52 7.11
N LYS A 214 20.03 -0.13 6.19
CA LYS A 214 21.48 -0.33 6.31
C LYS A 214 22.02 0.24 7.62
N ASP A 215 21.50 1.40 8.00
CA ASP A 215 21.96 2.10 9.19
C ASP A 215 21.47 1.53 10.53
N LYS A 216 20.57 0.53 10.52
CA LYS A 216 20.02 -0.07 11.75
C LYS A 216 19.57 1.00 12.75
N THR A 217 18.84 1.98 12.21
CA THR A 217 18.30 3.14 12.93
C THR A 217 17.50 2.79 14.17
N LEU A 218 16.82 1.62 14.13
CA LEU A 218 15.98 1.09 15.22
C LEU A 218 16.49 -0.25 15.79
N GLY A 219 17.76 -0.54 15.55
CA GLY A 219 18.46 -1.70 16.08
C GLY A 219 18.26 -2.99 15.30
N ALA A 220 17.74 -2.89 14.08
CA ALA A 220 17.51 -4.07 13.25
C ALA A 220 17.65 -3.68 11.79
N PRO A 221 18.13 -4.62 10.94
CA PRO A 221 18.22 -4.31 9.52
C PRO A 221 16.88 -4.29 8.79
N PHE A 222 15.86 -4.97 9.32
CA PHE A 222 14.56 -5.05 8.61
C PHE A 222 13.49 -4.34 9.41
N VAL A 223 12.90 -3.34 8.77
CA VAL A 223 11.91 -2.49 9.40
C VAL A 223 10.59 -2.54 8.67
N PHE A 225 6.72 -1.31 8.20
CA PHE A 225 5.75 -0.30 8.41
C PHE A 225 4.43 -0.95 8.00
N TYR A 226 3.48 -0.99 8.93
CA TYR A 226 2.18 -1.62 8.66
C TYR A 226 1.04 -0.92 9.37
N ASN A 227 -0.15 -1.00 8.78
CA ASN A 227 -1.34 -0.44 9.38
C ASN A 227 -2.29 -1.56 9.82
N ALA A 228 -3.05 -1.28 10.87
CA ALA A 228 -3.88 -2.28 11.53
C ALA A 228 -5.00 -1.55 12.24
N GLY A 229 -6.06 -2.27 12.58
CA GLY A 229 -7.22 -1.73 13.27
C GLY A 229 -7.19 -2.08 14.77
N GLY A 230 -7.56 -1.12 15.59
CA GLY A 230 -7.70 -1.31 17.04
C GLY A 230 -8.44 -0.16 17.66
N ARG A 231 -8.56 -0.26 18.99
CA ARG A 231 -9.29 0.72 19.74
C ARG A 231 -8.33 1.43 20.69
N HIS A 232 -8.47 2.73 20.79
CA HIS A 232 -7.51 3.52 21.56
C HIS A 232 -7.83 3.27 23.05
N PRO A 233 -6.78 3.01 23.86
CA PRO A 233 -7.06 2.60 25.27
C PRO A 233 -7.61 3.72 26.11
N GLU A 234 -7.33 4.96 25.78
CA GLU A 234 -7.95 6.12 26.49
C GLU A 234 -9.36 6.51 26.03
N THR A 235 -9.61 6.59 24.72
CA THR A 235 -10.86 7.11 24.18
C THR A 235 -11.84 6.08 23.70
N ASP A 236 -11.39 4.84 23.57
CA ASP A 236 -12.17 3.74 22.99
C ASP A 236 -12.58 3.97 21.53
N LEU A 237 -11.90 4.88 20.85
CA LEU A 237 -12.14 5.14 19.44
C LEU A 237 -11.47 4.07 18.58
N LYS A 238 -12.28 3.46 17.72
CA LYS A 238 -11.79 2.54 16.71
C LYS A 238 -11.21 3.33 15.53
N GLY A 239 -10.11 2.79 14.99
CA GLY A 239 -9.54 3.30 13.72
C GLY A 239 -8.41 2.41 13.20
N GLU A 240 -7.75 2.87 12.13
CA GLU A 240 -6.52 2.25 11.57
C GLU A 240 -5.35 3.19 11.69
N ARG A 241 -4.26 2.65 12.15
CA ARG A 241 -3.10 3.39 12.54
C ARG A 241 -1.86 2.68 12.02
N VAL A 242 -0.74 3.38 12.06
CA VAL A 242 0.52 2.90 11.49
C VAL A 242 1.55 2.61 12.58
N GLY A 243 2.16 1.44 12.50
CA GLY A 243 3.22 1.06 13.42
C GLY A 243 4.33 0.32 12.76
N ILE A 244 5.34 0.00 13.55
CA ILE A 244 6.60 -0.58 13.12
C ILE A 244 6.84 -1.94 13.76
N ALA A 245 7.38 -2.87 12.98
CA ALA A 245 7.89 -4.16 13.52
C ALA A 245 9.30 -4.33 13.04
N LEU A 246 10.09 -5.13 13.73
CA LEU A 246 11.52 -5.18 13.53
C LEU A 246 12.01 -6.63 13.47
N SER A 247 12.99 -6.89 12.60
CA SER A 247 13.57 -8.23 12.41
C SER A 247 15.01 -8.20 11.98
N LYS A 248 15.72 -9.28 12.32
CA LYS A 248 17.11 -9.50 11.90
C LYS A 248 17.20 -10.54 10.77
N ASP A 249 16.11 -11.25 10.45
CA ASP A 249 16.15 -12.39 9.50
C ASP A 249 14.92 -12.56 8.57
N LYS A 251 12.02 -13.42 9.40
CA LYS A 251 11.15 -14.51 9.85
C LYS A 251 10.60 -14.21 11.22
N THR A 252 11.49 -13.77 12.13
CA THR A 252 11.12 -13.44 13.51
C THR A 252 10.99 -11.93 13.68
N TRP A 253 9.88 -11.49 14.25
CA TRP A 253 9.52 -10.07 14.35
C TRP A 253 9.20 -9.66 15.78
N LYS A 254 9.63 -8.46 16.17
CA LYS A 254 9.22 -7.81 17.42
C LYS A 254 8.53 -6.50 17.06
N ARG A 255 7.45 -6.16 17.76
CA ARG A 255 6.84 -4.84 17.65
C ARG A 255 7.76 -3.76 18.23
N TYR A 256 7.69 -2.58 17.65
CA TYR A 256 8.34 -1.42 18.22
C TYR A 256 7.57 -1.04 19.48
N PRO A 257 8.30 -0.90 20.61
CA PRO A 257 7.58 -0.65 21.85
C PRO A 257 6.78 0.63 21.85
N GLY A 258 7.20 1.62 21.05
CA GLY A 258 6.51 2.90 20.97
C GLY A 258 5.36 2.99 19.98
N ASN A 259 4.90 1.85 19.45
CA ASN A 259 3.74 1.84 18.54
C ASN A 259 2.42 2.32 19.17
N PRO A 260 1.49 2.88 18.38
CA PRO A 260 1.65 3.24 16.95
C PRO A 260 2.49 4.51 16.78
N VAL A 261 3.19 4.66 15.65
CA VAL A 261 4.04 5.83 15.43
C VAL A 261 3.36 6.94 14.61
N PHE A 262 2.20 6.65 14.02
CA PHE A 262 1.50 7.65 13.24
C PHE A 262 0.03 7.33 13.15
N ALA A 263 -0.79 8.28 13.59
CA ALA A 263 -2.21 8.09 13.66
C ALA A 263 -2.91 9.45 13.62
N HIS A 264 -4.18 9.42 13.24
CA HIS A 264 -5.07 10.57 13.37
C HIS A 264 -6.32 10.17 14.15
N GLU A 265 -6.49 10.74 15.33
CA GLU A 265 -7.53 10.26 16.21
C GLU A 265 -8.89 10.92 16.01
N ALA A 266 -9.73 10.22 15.27
CA ALA A 266 -11.17 10.47 15.27
C ALA A 266 -11.89 9.12 15.05
N ASP A 267 -13.19 9.12 15.29
CA ASP A 267 -14.02 7.93 15.20
C ASP A 267 -14.02 7.32 13.79
N GLY A 268 -13.42 6.14 13.69
CA GLY A 268 -13.41 5.38 12.47
C GLY A 268 -12.40 5.88 11.45
N THR A 269 -11.56 6.86 11.79
CA THR A 269 -10.60 7.41 10.80
C THR A 269 -9.50 6.41 10.48
N ILE A 270 -9.12 6.35 9.21
CA ILE A 270 -8.11 5.43 8.75
C ILE A 270 -6.90 6.24 8.40
N THR A 271 -5.74 5.78 8.85
CA THR A 271 -4.45 6.26 8.43
C THR A 271 -3.72 4.99 7.99
N GLY A 272 -3.25 4.98 6.74
CA GLY A 272 -2.56 3.82 6.31
C GLY A 272 -1.79 3.83 5.01
N ASP A 273 -1.51 2.61 4.59
CA ASP A 273 -0.64 2.33 3.46
C ASP A 273 0.58 3.25 3.39
N ALA A 274 1.36 3.21 4.45
CA ALA A 274 2.59 3.93 4.53
C ALA A 274 3.58 3.44 3.48
N HIS A 275 4.12 4.40 2.75
CA HIS A 275 5.08 4.21 1.64
C HIS A 275 6.18 5.24 1.86
N ILE A 276 7.35 4.75 2.23
CA ILE A 276 8.50 5.58 2.66
C ILE A 276 9.62 5.63 1.62
N GLN A 277 10.05 6.86 1.30
CA GLN A 277 11.26 7.08 0.52
C GLN A 277 12.20 8.02 1.26
N LYS A 278 13.48 7.88 1.02
CA LYS A 278 14.49 8.69 1.66
C LYS A 278 14.92 9.75 0.65
N GLY A 280 17.43 12.71 0.76
CA GLY A 280 18.53 13.38 1.41
C GLY A 280 18.70 12.78 2.79
N ASP A 281 18.64 13.64 3.81
CA ASP A 281 18.66 13.20 5.21
C ASP A 281 17.27 13.00 5.82
N VAL A 282 16.20 13.19 5.04
CA VAL A 282 14.84 13.05 5.55
C VAL A 282 14.05 11.89 4.90
N TYR A 283 13.22 11.22 5.72
CA TYR A 283 12.29 10.20 5.25
C TYR A 283 10.96 10.88 4.99
N VAL A 284 10.34 10.54 3.85
CA VAL A 284 9.03 11.00 3.50
C VAL A 284 8.07 9.82 3.46
N PHE A 286 4.58 8.76 2.29
CA PHE A 286 3.34 8.91 1.57
C PHE A 286 2.33 8.00 2.28
N TYR A 287 1.15 8.54 2.55
CA TYR A 287 0.10 7.75 3.22
C TYR A 287 -1.27 8.20 2.76
N PHE A 288 -2.28 7.36 2.97
CA PHE A 288 -3.67 7.74 2.74
C PHE A 288 -4.41 7.84 4.06
N SER A 289 -5.46 8.63 4.01
CA SER A 289 -6.40 8.70 5.11
C SER A 289 -7.80 8.64 4.56
N ALA A 290 -8.72 8.09 5.34
CA ALA A 290 -10.14 8.06 5.00
C ALA A 290 -10.94 8.41 6.24
N PHE A 291 -12.12 9.00 6.02
CA PHE A 291 -13.06 9.32 7.13
C PHE A 291 -12.37 10.20 8.16
N GLU A 292 -11.56 11.14 7.67
CA GLU A 292 -10.96 12.21 8.47
C GLU A 292 -11.97 13.36 8.55
N PRO A 293 -12.42 13.75 9.78
CA PRO A 293 -13.43 14.84 9.81
C PRO A 293 -13.05 16.21 9.18
N SER A 294 -11.76 16.54 9.15
CA SER A 294 -11.26 17.84 8.62
C SER A 294 -11.26 18.00 7.09
N ARG A 295 -11.55 16.91 6.37
CA ARG A 295 -11.74 16.89 4.92
C ARG A 295 -13.22 16.62 4.52
N LYS A 296 -13.64 17.34 3.46
CA LYS A 296 -14.96 17.22 2.84
C LYS A 296 -14.91 16.33 1.59
N TYR A 297 -13.90 15.49 1.51
CA TYR A 297 -13.91 14.30 0.69
C TYR A 297 -13.50 13.14 1.54
N LYS A 298 -13.93 11.95 1.14
CA LYS A 298 -13.89 10.76 2.05
C LYS A 298 -12.56 10.01 2.15
N ALA A 299 -11.73 10.10 1.13
CA ALA A 299 -10.38 9.54 1.18
C ALA A 299 -9.41 10.23 0.24
N PHE A 300 -8.16 10.31 0.64
CA PHE A 300 -7.15 11.15 0.02
C PHE A 300 -5.75 10.74 0.37
N ASN A 301 -4.76 11.22 -0.39
CA ASN A 301 -3.35 11.04 -0.09
C ASN A 301 -2.67 12.34 0.30
N THR A 302 -1.81 12.25 1.32
CA THR A 302 -0.88 13.30 1.68
C THR A 302 0.45 12.70 2.17
N PHE A 303 1.26 13.46 2.89
CA PHE A 303 2.51 12.91 3.35
C PHE A 303 2.88 13.47 4.71
N ALA A 304 3.82 12.74 5.33
CA ALA A 304 4.51 13.17 6.51
C ALA A 304 6.01 13.03 6.33
N ALA A 305 6.80 13.61 7.23
CA ALA A 305 8.25 13.44 7.14
C ALA A 305 8.88 13.27 8.53
N SER A 306 10.05 12.66 8.56
CA SER A 306 10.74 12.29 9.82
C SER A 306 12.22 12.13 9.61
N TYR A 307 13.02 12.47 10.62
CA TYR A 307 14.49 12.21 10.57
C TYR A 307 14.86 10.86 11.20
N ASP A 308 13.95 10.33 12.03
CA ASP A 308 14.24 9.17 12.90
C ASP A 308 13.30 7.94 12.78
N LEU A 309 12.41 7.96 11.78
CA LEU A 309 11.42 6.91 11.51
C LEU A 309 10.29 6.77 12.51
N VAL A 310 10.32 7.50 13.64
CA VAL A 310 9.36 7.32 14.72
C VAL A 310 8.46 8.55 14.96
N ASN A 311 9.05 9.74 14.93
CA ASN A 311 8.32 10.98 15.13
C ASN A 311 8.07 11.62 13.77
N TRP A 312 6.80 11.73 13.41
CA TRP A 312 6.39 12.11 12.05
C TRP A 312 5.74 13.47 12.08
N THR A 313 6.18 14.37 11.19
CA THR A 313 5.57 15.69 11.07
C THR A 313 4.64 15.61 9.87
N ASP A 314 3.38 15.97 10.06
CA ASP A 314 2.34 15.87 9.04
C ASP A 314 2.39 17.10 8.14
N TRP A 315 2.24 16.95 6.82
CA TRP A 315 2.05 18.08 5.95
C TRP A 315 0.90 18.99 6.34
N HIS A 316 1.12 20.31 6.30
CA HIS A 316 0.11 21.26 6.76
C HIS A 316 -0.68 21.96 5.64
N GLY A 317 -0.48 21.49 4.41
CA GLY A 317 -1.00 22.16 3.18
C GLY A 317 -1.95 21.24 2.46
N ALA A 318 -2.24 21.57 1.21
CA ALA A 318 -3.20 20.85 0.36
C ALA A 318 -2.78 19.41 0.25
N ASP A 319 -3.78 18.54 0.22
CA ASP A 319 -3.53 17.11 0.07
C ASP A 319 -2.96 16.85 -1.35
N LEU A 320 -2.19 15.80 -1.46
CA LEU A 320 -1.51 15.48 -2.74
C LEU A 320 -2.46 14.97 -3.80
N ILE A 321 -3.35 14.06 -3.43
CA ILE A 321 -4.33 13.45 -4.32
C ILE A 321 -5.67 13.50 -3.65
N ILE A 322 -6.66 14.06 -4.31
CA ILE A 322 -8.03 14.11 -3.81
C ILE A 322 -9.00 13.76 -4.90
N PRO A 323 -10.25 13.34 -4.55
CA PRO A 323 -11.31 13.14 -5.56
C PRO A 323 -11.56 14.41 -6.35
N SER A 324 -11.55 14.30 -7.68
CA SER A 324 -11.76 15.47 -8.54
C SER A 324 -12.24 15.14 -9.96
N LYS A 325 -12.18 13.87 -10.37
CA LYS A 325 -12.60 13.41 -11.69
C LYS A 325 -13.70 12.37 -11.54
N ASN A 326 -14.40 12.10 -12.62
CA ASN A 326 -15.39 11.02 -12.69
C ASN A 326 -14.88 9.74 -12.01
N TYR A 327 -13.71 9.31 -12.45
CA TYR A 327 -13.24 7.98 -12.17
C TYR A 327 -12.74 7.87 -10.71
N ASP A 328 -12.43 8.99 -10.04
CA ASP A 328 -12.00 8.94 -8.59
C ASP A 328 -12.86 9.75 -7.62
N GLU A 329 -14.12 9.91 -8.00
CA GLU A 329 -14.99 10.87 -7.34
C GLU A 329 -15.36 10.52 -5.87
N LEU A 330 -15.18 9.26 -5.46
CA LEU A 330 -15.48 8.85 -4.09
C LEU A 330 -14.20 8.78 -3.26
N PHE A 331 -13.24 7.95 -3.69
CA PHE A 331 -11.97 7.80 -3.02
C PHE A 331 -10.84 8.03 -4.03
N ALA A 332 -9.81 8.80 -3.66
CA ALA A 332 -8.59 8.91 -4.50
C ALA A 332 -7.43 8.75 -3.55
N HIS A 333 -6.89 7.55 -3.45
CA HIS A 333 -6.22 7.14 -2.24
C HIS A 333 -5.34 5.90 -2.40
N LYS A 334 -4.33 5.84 -1.52
CA LYS A 334 -3.29 4.80 -1.46
C LYS A 334 -2.23 5.21 -2.43
N SER A 335 -0.96 5.08 -2.06
CA SER A 335 0.15 5.65 -2.85
C SER A 335 1.24 4.67 -3.21
N TYR A 336 1.74 4.87 -4.43
CA TYR A 336 3.10 4.50 -4.77
C TYR A 336 3.65 5.56 -5.71
N VAL A 337 4.84 6.08 -5.41
CA VAL A 337 5.37 7.26 -6.07
C VAL A 337 6.74 6.97 -6.70
N ILE A 338 6.88 7.29 -7.98
CA ILE A 338 8.14 7.09 -8.67
C ILE A 338 8.55 8.46 -9.15
N LYS A 339 9.76 8.89 -8.84
CA LYS A 339 10.38 9.98 -9.60
C LYS A 339 11.42 9.42 -10.59
N HIS A 340 11.20 9.69 -11.88
CA HIS A 340 12.09 9.19 -12.93
C HIS A 340 12.19 10.22 -14.03
N ASP A 341 13.43 10.47 -14.49
CA ASP A 341 13.71 11.38 -15.58
C ASP A 341 12.96 12.70 -15.42
N GLY A 342 13.06 13.29 -14.24
CA GLY A 342 12.51 14.61 -13.98
C GLY A 342 10.99 14.72 -13.89
N VAL A 343 10.30 13.59 -13.74
CA VAL A 343 8.84 13.57 -13.64
C VAL A 343 8.46 12.70 -12.46
N VAL A 344 7.50 13.17 -11.65
CA VAL A 344 6.92 12.40 -10.54
C VAL A 344 5.63 11.73 -10.97
N TYR A 345 5.53 10.42 -10.71
CA TYR A 345 4.36 9.62 -11.04
C TYR A 345 3.80 9.12 -9.71
N HIS A 346 2.57 9.50 -9.41
CA HIS A 346 1.91 9.10 -8.20
C HIS A 346 0.79 8.12 -8.59
N PHE A 347 1.02 6.83 -8.28
CA PHE A 347 0.04 5.79 -8.52
C PHE A 347 -0.92 5.69 -7.33
N TYR A 348 -2.21 5.58 -7.60
CA TYR A 348 -3.20 5.58 -6.51
C TYR A 348 -4.41 4.78 -6.90
N CYS A 349 -5.24 4.43 -5.93
CA CYS A 349 -6.47 3.67 -6.17
C CYS A 349 -7.63 4.64 -6.30
N ALA A 350 -8.32 4.55 -7.45
CA ALA A 350 -9.43 5.40 -7.79
C ALA A 350 -10.70 4.61 -7.61
N VAL A 351 -11.63 5.16 -6.82
CA VAL A 351 -12.96 4.62 -6.65
C VAL A 351 -14.00 5.70 -6.91
N ASN A 352 -15.06 5.35 -7.65
CA ASN A 352 -16.13 6.28 -7.97
C ASN A 352 -17.39 5.95 -7.18
N ASN A 353 -18.47 6.68 -7.43
CA ASN A 353 -19.71 6.52 -6.66
C ASN A 353 -20.41 5.19 -6.96
N ALA A 354 -20.18 4.63 -8.15
CA ALA A 354 -20.60 3.22 -8.42
C ALA A 354 -19.72 2.16 -7.71
N GLU A 355 -18.65 2.62 -7.06
CA GLU A 355 -17.71 1.79 -6.34
C GLU A 355 -16.89 0.88 -7.25
N GLN A 356 -16.74 1.29 -8.50
CA GLN A 356 -15.76 0.69 -9.38
C GLN A 356 -14.38 1.09 -8.85
N ARG A 357 -13.43 0.17 -8.94
CA ARG A 357 -12.15 0.34 -8.28
C ARG A 357 -11.00 -0.08 -9.20
N GLY A 358 -10.07 0.83 -9.39
CA GLY A 358 -8.87 0.58 -10.19
C GLY A 358 -7.73 1.45 -9.75
N ILE A 359 -6.62 1.35 -10.47
CA ILE A 359 -5.39 2.07 -10.18
C ILE A 359 -5.23 3.16 -11.24
N ALA A 360 -4.98 4.38 -10.80
CA ALA A 360 -4.75 5.56 -11.68
C ALA A 360 -3.42 6.23 -11.39
N ILE A 361 -3.06 7.18 -12.25
CA ILE A 361 -1.80 7.89 -12.12
C ILE A 361 -1.98 9.40 -12.19
N ALA A 362 -1.23 10.13 -11.36
CA ALA A 362 -1.11 11.58 -11.49
C ALA A 362 0.38 11.92 -11.67
N THR A 363 0.68 13.03 -12.39
CA THR A 363 2.07 13.37 -12.69
C THR A 363 2.38 14.83 -12.40
N SER A 364 3.66 15.13 -12.24
CA SER A 364 4.13 16.49 -11.98
C SER A 364 4.05 17.47 -13.21
N LYS A 365 4.11 16.95 -14.45
CA LYS A 365 3.69 17.75 -15.60
C LYS A 365 2.75 16.92 -16.46
N PRO A 366 1.94 17.57 -17.33
CA PRO A 366 1.10 16.75 -18.20
C PRO A 366 1.92 15.71 -19.02
N GLY A 368 -0.02 13.41 -21.09
CA GLY A 368 -1.13 12.90 -21.88
C GLY A 368 -2.30 12.44 -21.03
N ARG A 369 -3.11 11.55 -21.61
CA ARG A 369 -4.33 11.08 -21.01
C ARG A 369 -4.50 9.61 -21.28
N SER A 370 -4.91 8.87 -20.26
CA SER A 370 -5.13 7.44 -20.38
C SER A 370 -6.26 7.16 -21.32
N ALA A 371 -6.16 6.08 -22.10
CA ALA A 371 -7.28 5.59 -22.90
C ALA A 371 -8.12 4.56 -22.18
N VAL A 372 -7.71 4.17 -20.97
CA VAL A 372 -8.41 3.14 -20.16
C VAL A 372 -9.63 3.75 -19.52
N ARG A 373 -10.73 3.03 -19.52
CA ARG A 373 -11.96 3.42 -18.84
C ARG A 373 -12.44 2.25 -17.95
N PHE A 374 -13.22 2.61 -16.94
CA PHE A 374 -14.01 1.64 -16.19
C PHE A 374 -15.11 1.15 -17.15
N PRO A 375 -15.63 -0.06 -16.93
CA PRO A 375 -16.84 -0.50 -17.61
C PRO A 375 -18.00 0.43 -17.29
N LYS A 376 -19.06 0.32 -18.08
CA LYS A 376 -20.30 1.04 -17.78
C LYS A 376 -20.73 0.59 -16.39
N PRO A 377 -21.04 1.53 -15.48
CA PRO A 377 -21.51 1.08 -14.15
C PRO A 377 -22.84 0.37 -14.24
N GLU A 378 -23.12 -0.47 -13.25
CA GLU A 378 -24.42 -1.11 -13.09
C GLU A 378 -25.46 -0.17 -12.54
N THR A 379 -26.67 -0.26 -13.08
CA THR A 379 -27.82 0.48 -12.56
C THR A 379 -28.22 -0.14 -11.21
#